data_2NDE
#
_entry.id   2NDE
#
_entity_poly.entity_id   1
_entity_poly.type   'polypeptide(L)'
_entity_poly.pdbx_seq_one_letter_code
;IGLRGLGRKIALIHKKYG
;
_entity_poly.pdbx_strand_id   A
#
# COMPACT_ATOMS: atom_id res chain seq x y z
N ILE A 1 -13.27 0.03 1.12
CA ILE A 1 -13.89 0.84 2.18
C ILE A 1 -13.05 2.08 2.49
N GLY A 2 -11.81 2.07 2.04
CA GLY A 2 -10.92 3.19 2.27
C GLY A 2 -9.55 2.92 1.70
N LEU A 3 -8.54 3.06 2.53
CA LEU A 3 -7.18 2.77 2.09
C LEU A 3 -6.78 1.36 2.49
N ARG A 4 -5.71 0.86 1.90
CA ARG A 4 -5.24 -0.49 2.18
C ARG A 4 -4.33 -0.50 3.42
N GLY A 5 -4.20 0.67 4.03
CA GLY A 5 -3.49 0.81 5.29
C GLY A 5 -1.98 0.70 5.15
N LEU A 6 -1.51 -0.43 4.64
CA LEU A 6 -0.08 -0.64 4.43
C LEU A 6 0.29 -0.48 2.96
N GLY A 7 -0.69 -0.05 2.16
CA GLY A 7 -0.47 0.04 0.73
C GLY A 7 -0.39 -1.34 0.11
N ARG A 8 -1.42 -2.13 0.35
CA ARG A 8 -1.46 -3.51 -0.12
C ARG A 8 -1.50 -3.57 -1.65
N LYS A 9 -2.67 -3.30 -2.22
CA LYS A 9 -2.81 -3.25 -3.67
C LYS A 9 -2.00 -2.08 -4.23
N ILE A 10 -1.81 -1.09 -3.38
CA ILE A 10 -1.08 0.14 -3.72
C ILE A 10 0.42 -0.08 -3.50
N ALA A 11 0.85 -1.32 -3.66
CA ALA A 11 2.21 -1.77 -3.30
C ALA A 11 3.32 -0.94 -3.95
N LEU A 12 3.02 -0.19 -4.99
CA LEU A 12 4.02 0.67 -5.61
C LEU A 12 4.36 1.86 -4.70
N ILE A 13 3.35 2.30 -3.94
CA ILE A 13 3.54 3.37 -2.98
C ILE A 13 3.91 2.80 -1.60
N HIS A 14 3.76 1.48 -1.48
CA HIS A 14 4.01 0.76 -0.23
C HIS A 14 5.39 1.11 0.35
N LYS A 15 6.38 1.23 -0.53
CA LYS A 15 7.75 1.45 -0.11
C LYS A 15 7.96 2.81 0.55
N LYS A 16 6.94 3.65 0.53
CA LYS A 16 7.04 4.98 1.12
C LYS A 16 7.13 4.86 2.64
N TYR A 17 6.36 3.95 3.22
CA TYR A 17 6.24 3.86 4.67
C TYR A 17 6.20 2.42 5.16
N GLY A 18 6.01 1.47 4.26
CA GLY A 18 5.91 0.07 4.67
C GLY A 18 7.11 -0.73 4.24
N ILE A 1 -12.61 -1.85 2.72
CA ILE A 1 -13.00 -0.47 2.34
C ILE A 1 -11.95 0.52 2.83
N GLY A 2 -11.66 1.53 2.01
CA GLY A 2 -10.62 2.49 2.35
C GLY A 2 -9.34 2.17 1.63
N LEU A 3 -8.22 2.48 2.25
CA LEU A 3 -6.93 2.12 1.70
C LEU A 3 -6.44 0.84 2.35
N ARG A 4 -5.48 0.18 1.73
CA ARG A 4 -5.01 -1.12 2.22
C ARG A 4 -4.14 -0.97 3.47
N GLY A 5 -3.92 0.27 3.90
CA GLY A 5 -3.24 0.54 5.15
C GLY A 5 -1.74 0.32 5.06
N LEU A 6 -1.35 -0.88 4.67
CA LEU A 6 0.05 -1.24 4.53
C LEU A 6 0.52 -0.91 3.12
N GLY A 7 -0.44 -0.67 2.22
CA GLY A 7 -0.12 -0.42 0.83
C GLY A 7 0.21 -1.70 0.08
N ARG A 8 -0.49 -2.77 0.44
CA ARG A 8 -0.25 -4.09 -0.14
C ARG A 8 -0.35 -4.09 -1.66
N LYS A 9 -1.49 -3.68 -2.20
CA LYS A 9 -1.67 -3.62 -3.66
C LYS A 9 -1.18 -2.28 -4.19
N ILE A 10 -0.87 -1.38 -3.28
CA ILE A 10 -0.41 -0.04 -3.62
C ILE A 10 1.12 -0.04 -3.75
N ALA A 11 1.66 -1.21 -4.10
CA ALA A 11 3.10 -1.48 -4.13
C ALA A 11 3.95 -0.31 -4.64
N LEU A 12 3.52 0.33 -5.72
CA LEU A 12 4.29 1.42 -6.32
C LEU A 12 4.49 2.57 -5.32
N ILE A 13 3.43 2.89 -4.57
CA ILE A 13 3.50 3.95 -3.57
C ILE A 13 3.91 3.36 -2.21
N HIS A 14 3.70 2.06 -2.07
CA HIS A 14 3.99 1.34 -0.83
C HIS A 14 5.42 1.56 -0.38
N LYS A 15 6.37 1.41 -1.29
CA LYS A 15 7.79 1.48 -0.96
C LYS A 15 8.19 2.90 -0.52
N LYS A 16 7.26 3.84 -0.57
CA LYS A 16 7.51 5.19 -0.12
C LYS A 16 7.50 5.25 1.41
N TYR A 17 6.59 4.50 2.01
CA TYR A 17 6.37 4.58 3.46
C TYR A 17 6.59 3.23 4.14
N GLY A 18 6.56 2.16 3.36
CA GLY A 18 6.71 0.84 3.94
C GLY A 18 7.44 -0.11 3.02
N ILE A 1 -13.86 -1.69 -1.49
CA ILE A 1 -14.17 -1.37 -0.07
C ILE A 1 -12.94 -0.85 0.65
N GLY A 2 -12.84 0.47 0.74
CA GLY A 2 -11.77 1.11 1.48
C GLY A 2 -10.40 0.90 0.87
N LEU A 3 -9.37 1.29 1.61
CA LEU A 3 -7.99 1.11 1.18
C LEU A 3 -7.39 -0.10 1.89
N ARG A 4 -6.31 -0.64 1.33
CA ARG A 4 -5.65 -1.79 1.92
C ARG A 4 -4.82 -1.36 3.14
N GLY A 5 -4.61 -0.05 3.25
CA GLY A 5 -3.83 0.50 4.36
C GLY A 5 -2.35 0.22 4.24
N LEU A 6 -2.00 -1.04 4.13
CA LEU A 6 -0.61 -1.46 4.00
C LEU A 6 -0.19 -1.47 2.54
N GLY A 7 -1.03 -0.94 1.67
CA GLY A 7 -0.72 -0.89 0.25
C GLY A 7 -0.49 -2.26 -0.34
N ARG A 8 -1.31 -3.22 0.07
CA ARG A 8 -1.15 -4.61 -0.35
C ARG A 8 -1.18 -4.75 -1.86
N LYS A 9 -2.33 -4.53 -2.46
CA LYS A 9 -2.49 -4.61 -3.91
C LYS A 9 -1.85 -3.41 -4.58
N ILE A 10 -1.56 -2.40 -3.78
CA ILE A 10 -0.89 -1.18 -4.23
C ILE A 10 0.62 -1.33 -4.05
N ALA A 11 1.08 -2.58 -4.12
CA ALA A 11 2.48 -2.95 -3.85
C ALA A 11 3.51 -2.02 -4.49
N LEU A 12 3.21 -1.52 -5.69
CA LEU A 12 4.10 -0.61 -6.40
C LEU A 12 4.38 0.62 -5.55
N ILE A 13 3.35 1.13 -4.89
CA ILE A 13 3.48 2.31 -4.03
C ILE A 13 3.82 1.90 -2.61
N HIS A 14 3.45 0.67 -2.25
CA HIS A 14 3.73 0.13 -0.92
C HIS A 14 5.22 0.19 -0.62
N LYS A 15 6.03 -0.21 -1.59
CA LYS A 15 7.48 -0.29 -1.40
C LYS A 15 8.11 1.09 -1.18
N LYS A 16 7.28 2.13 -1.23
CA LYS A 16 7.74 3.47 -0.96
C LYS A 16 7.86 3.73 0.54
N TYR A 17 6.97 3.13 1.32
CA TYR A 17 6.94 3.41 2.76
C TYR A 17 7.06 2.12 3.59
N GLY A 18 7.46 1.03 2.95
CA GLY A 18 7.63 -0.21 3.68
C GLY A 18 7.25 -1.40 2.85
N ILE A 1 -12.56 -2.52 -0.60
CA ILE A 1 -13.05 -1.38 0.20
C ILE A 1 -12.24 -1.24 1.48
N GLY A 2 -11.51 -0.13 1.58
CA GLY A 2 -10.68 0.08 2.74
C GLY A 2 -9.21 -0.17 2.44
N LEU A 3 -8.38 0.85 2.62
CA LEU A 3 -6.96 0.74 2.36
C LEU A 3 -6.32 -0.32 3.26
N ARG A 4 -5.46 -1.15 2.67
CA ARG A 4 -4.80 -2.22 3.41
C ARG A 4 -3.69 -1.69 4.33
N GLY A 5 -3.51 -0.38 4.33
CA GLY A 5 -2.53 0.25 5.20
C GLY A 5 -1.11 0.09 4.70
N LEU A 6 -0.69 -1.16 4.50
CA LEU A 6 0.65 -1.45 4.03
C LEU A 6 0.70 -1.47 2.50
N GLY A 7 -0.42 -1.13 1.89
CA GLY A 7 -0.50 -1.05 0.44
C GLY A 7 -0.66 -2.42 -0.22
N ARG A 8 -0.04 -3.44 0.40
CA ARG A 8 -0.03 -4.82 -0.11
C ARG A 8 0.10 -4.93 -1.64
N LYS A 9 -1.03 -4.96 -2.33
CA LYS A 9 -1.06 -5.14 -3.78
C LYS A 9 -0.62 -3.86 -4.50
N ILE A 10 -0.63 -2.77 -3.76
CA ILE A 10 -0.14 -1.48 -4.25
C ILE A 10 1.37 -1.41 -4.00
N ALA A 11 2.01 -2.58 -4.01
CA ALA A 11 3.43 -2.75 -3.68
C ALA A 11 4.37 -1.68 -4.27
N LEU A 12 4.01 -1.13 -5.43
CA LEU A 12 4.79 -0.05 -6.04
C LEU A 12 4.90 1.13 -5.10
N ILE A 13 3.78 1.44 -4.43
CA ILE A 13 3.74 2.52 -3.46
C ILE A 13 4.09 1.99 -2.07
N HIS A 14 3.91 0.68 -1.86
CA HIS A 14 4.27 0.04 -0.60
C HIS A 14 5.74 0.30 -0.27
N LYS A 15 6.60 0.15 -1.28
CA LYS A 15 8.03 0.33 -1.07
C LYS A 15 8.39 1.81 -0.89
N LYS A 16 7.40 2.67 -1.00
CA LYS A 16 7.61 4.10 -0.81
C LYS A 16 7.71 4.43 0.67
N TYR A 17 6.82 3.86 1.48
CA TYR A 17 6.83 4.14 2.91
C TYR A 17 7.12 2.90 3.73
N GLY A 18 7.18 1.76 3.08
CA GLY A 18 7.44 0.51 3.78
C GLY A 18 8.75 -0.11 3.34
N ILE A 1 -12.14 -1.97 3.18
CA ILE A 1 -12.58 -2.13 1.77
C ILE A 1 -11.92 -1.10 0.87
N GLY A 2 -11.61 0.07 1.42
CA GLY A 2 -11.00 1.13 0.64
C GLY A 2 -9.51 0.94 0.46
N LEU A 3 -8.74 1.37 1.44
CA LEU A 3 -7.30 1.27 1.38
C LEU A 3 -6.81 0.03 2.12
N ARG A 4 -5.83 -0.65 1.54
CA ARG A 4 -5.25 -1.84 2.17
C ARG A 4 -4.29 -1.46 3.28
N GLY A 5 -4.07 -0.14 3.44
CA GLY A 5 -3.24 0.39 4.50
C GLY A 5 -1.75 0.13 4.30
N LEU A 6 -1.38 -1.14 4.20
CA LEU A 6 0.02 -1.51 4.06
C LEU A 6 0.45 -1.50 2.60
N GLY A 7 -0.50 -1.21 1.72
CA GLY A 7 -0.19 -1.11 0.30
C GLY A 7 0.32 -2.42 -0.28
N ARG A 8 -0.31 -3.52 0.10
CA ARG A 8 0.10 -4.85 -0.36
C ARG A 8 0.09 -4.94 -1.89
N LYS A 9 -1.08 -4.66 -2.47
CA LYS A 9 -1.22 -4.67 -3.92
C LYS A 9 -0.84 -3.30 -4.49
N ILE A 10 -0.73 -2.34 -3.58
CA ILE A 10 -0.37 -0.96 -3.90
C ILE A 10 1.15 -0.76 -3.79
N ALA A 11 1.89 -1.85 -4.05
CA ALA A 11 3.35 -1.93 -3.83
C ALA A 11 4.12 -0.66 -4.23
N LEU A 12 3.70 -0.01 -5.31
CA LEU A 12 4.35 1.22 -5.77
C LEU A 12 4.39 2.28 -4.65
N ILE A 13 3.31 2.37 -3.90
CA ILE A 13 3.21 3.31 -2.79
C ILE A 13 3.68 2.65 -1.49
N HIS A 14 3.63 1.32 -1.46
CA HIS A 14 4.04 0.54 -0.28
C HIS A 14 5.48 0.87 0.11
N LYS A 15 6.37 0.92 -0.87
CA LYS A 15 7.80 1.12 -0.60
C LYS A 15 8.09 2.48 0.02
N LYS A 16 7.08 3.34 0.07
CA LYS A 16 7.21 4.65 0.70
C LYS A 16 7.34 4.49 2.21
N TYR A 17 6.72 3.45 2.75
CA TYR A 17 6.74 3.20 4.19
C TYR A 17 7.09 1.75 4.50
N GLY A 18 7.62 1.05 3.51
CA GLY A 18 8.01 -0.33 3.70
C GLY A 18 8.51 -0.95 2.41
N ILE A 1 -14.06 0.81 0.49
CA ILE A 1 -13.04 1.37 -0.40
C ILE A 1 -12.09 2.26 0.40
N GLY A 2 -10.81 1.89 0.40
CA GLY A 2 -9.85 2.66 1.15
C GLY A 2 -8.45 2.10 1.01
N LEU A 3 -7.49 2.79 1.60
CA LEU A 3 -6.10 2.38 1.55
C LEU A 3 -5.85 1.20 2.49
N ARG A 4 -5.02 0.27 2.05
CA ARG A 4 -4.70 -0.91 2.86
C ARG A 4 -3.60 -0.60 3.88
N GLY A 5 -3.14 0.64 3.87
CA GLY A 5 -2.15 1.10 4.84
C GLY A 5 -0.75 0.58 4.60
N LEU A 6 -0.60 -0.73 4.55
CA LEU A 6 0.70 -1.35 4.36
C LEU A 6 1.01 -1.54 2.89
N GLY A 7 0.19 -0.94 2.03
CA GLY A 7 0.39 -1.06 0.59
C GLY A 7 0.34 -2.50 0.14
N ARG A 8 -0.71 -3.21 0.57
CA ARG A 8 -0.89 -4.63 0.25
C ARG A 8 -0.97 -4.84 -1.26
N LYS A 9 -2.05 -4.37 -1.88
CA LYS A 9 -2.16 -4.38 -3.33
C LYS A 9 -1.50 -3.12 -3.88
N ILE A 10 -1.31 -2.16 -2.99
CA ILE A 10 -0.78 -0.85 -3.34
C ILE A 10 0.75 -0.88 -3.32
N ALA A 11 1.31 -2.05 -3.59
CA ALA A 11 2.75 -2.29 -3.52
C ALA A 11 3.57 -1.24 -4.28
N LEU A 12 3.00 -0.71 -5.35
CA LEU A 12 3.69 0.32 -6.15
C LEU A 12 3.89 1.61 -5.35
N ILE A 13 2.93 1.92 -4.50
CA ILE A 13 3.02 3.09 -3.64
C ILE A 13 3.66 2.70 -2.30
N HIS A 14 3.53 1.44 -1.94
CA HIS A 14 4.10 0.90 -0.71
C HIS A 14 5.60 1.17 -0.62
N LYS A 15 6.29 0.99 -1.75
CA LYS A 15 7.74 1.15 -1.78
C LYS A 15 8.16 2.62 -1.70
N LYS A 16 7.19 3.50 -1.52
CA LYS A 16 7.47 4.92 -1.34
C LYS A 16 7.75 5.20 0.14
N TYR A 17 7.22 4.38 1.02
CA TYR A 17 7.37 4.61 2.45
C TYR A 17 7.89 3.39 3.19
N GLY A 18 7.91 2.23 2.53
CA GLY A 18 8.39 1.03 3.19
C GLY A 18 8.58 -0.11 2.20
N ILE A 1 -13.09 -1.55 3.53
CA ILE A 1 -13.39 -0.29 2.82
C ILE A 1 -12.14 0.30 2.18
N GLY A 2 -12.07 0.19 0.85
CA GLY A 2 -11.00 0.81 0.11
C GLY A 2 -9.67 0.08 0.25
N LEU A 3 -8.70 0.78 0.83
CA LEU A 3 -7.33 0.27 0.91
C LEU A 3 -7.22 -0.95 1.82
N ARG A 4 -6.16 -1.72 1.61
CA ARG A 4 -5.88 -2.88 2.46
C ARG A 4 -4.83 -2.53 3.51
N GLY A 5 -4.65 -1.23 3.72
CA GLY A 5 -3.82 -0.74 4.80
C GLY A 5 -2.33 -0.74 4.48
N LEU A 6 -1.79 -1.92 4.15
CA LEU A 6 -0.34 -2.06 3.96
C LEU A 6 0.06 -2.04 2.49
N GLY A 7 -0.90 -1.81 1.61
CA GLY A 7 -0.60 -1.72 0.20
C GLY A 7 -0.01 -3.00 -0.37
N ARG A 8 -0.65 -4.13 -0.08
CA ARG A 8 -0.13 -5.43 -0.51
C ARG A 8 -0.04 -5.51 -2.03
N LYS A 9 -1.18 -5.43 -2.71
CA LYS A 9 -1.20 -5.36 -4.17
C LYS A 9 -0.78 -3.98 -4.63
N ILE A 10 -0.98 -3.00 -3.75
CA ILE A 10 -0.68 -1.61 -4.03
C ILE A 10 0.83 -1.34 -3.90
N ALA A 11 1.63 -2.37 -4.18
CA ALA A 11 3.10 -2.34 -4.05
C ALA A 11 3.73 -1.04 -4.55
N LEU A 12 3.17 -0.48 -5.61
CA LEU A 12 3.67 0.78 -6.18
C LEU A 12 3.70 1.88 -5.13
N ILE A 13 2.64 1.96 -4.33
CA ILE A 13 2.55 2.93 -3.26
C ILE A 13 3.11 2.34 -1.96
N HIS A 14 3.06 1.02 -1.85
CA HIS A 14 3.56 0.30 -0.67
C HIS A 14 5.00 0.67 -0.38
N LYS A 15 5.84 0.62 -1.41
CA LYS A 15 7.28 0.86 -1.26
C LYS A 15 7.57 2.28 -0.79
N LYS A 16 6.56 3.13 -0.80
CA LYS A 16 6.71 4.50 -0.33
C LYS A 16 6.90 4.54 1.18
N TYR A 17 6.11 3.74 1.89
CA TYR A 17 6.14 3.77 3.36
C TYR A 17 6.79 2.52 3.96
N GLY A 18 6.75 1.40 3.24
CA GLY A 18 7.28 0.17 3.80
C GLY A 18 7.23 -0.98 2.82
N ILE A 1 -13.93 -1.32 -0.13
CA ILE A 1 -14.11 -0.31 0.93
C ILE A 1 -12.81 -0.11 1.71
N GLY A 2 -12.26 1.09 1.63
CA GLY A 2 -11.07 1.41 2.39
C GLY A 2 -9.79 1.03 1.67
N LEU A 3 -8.67 1.49 2.20
CA LEU A 3 -7.36 1.19 1.63
C LEU A 3 -6.94 -0.23 1.98
N ARG A 4 -5.76 -0.64 1.52
CA ARG A 4 -5.26 -1.98 1.79
C ARG A 4 -4.26 -1.96 2.94
N GLY A 5 -4.03 -0.77 3.48
CA GLY A 5 -3.13 -0.59 4.61
C GLY A 5 -1.66 -0.73 4.23
N LEU A 6 -1.30 -1.87 3.68
CA LEU A 6 0.09 -2.14 3.30
C LEU A 6 0.27 -1.93 1.80
N GLY A 7 -0.79 -1.50 1.15
CA GLY A 7 -0.73 -1.28 -0.29
C GLY A 7 -0.42 -2.56 -1.04
N ARG A 8 -1.20 -3.61 -0.79
CA ARG A 8 -1.00 -4.90 -1.45
C ARG A 8 -1.27 -4.80 -2.95
N LYS A 9 -2.35 -4.12 -3.31
CA LYS A 9 -2.69 -3.89 -4.70
C LYS A 9 -1.83 -2.75 -5.25
N ILE A 10 -1.40 -1.89 -4.35
CA ILE A 10 -0.55 -0.75 -4.66
C ILE A 10 0.92 -1.15 -4.51
N ALA A 11 1.19 -2.44 -4.74
CA ALA A 11 2.49 -3.08 -4.44
C ALA A 11 3.70 -2.24 -4.86
N LEU A 12 3.62 -1.54 -5.98
CA LEU A 12 4.74 -0.74 -6.47
C LEU A 12 5.08 0.36 -5.47
N ILE A 13 4.06 0.93 -4.85
CA ILE A 13 4.25 2.04 -3.91
C ILE A 13 4.47 1.51 -2.49
N HIS A 14 4.32 0.20 -2.31
CA HIS A 14 4.51 -0.44 -1.01
C HIS A 14 5.89 -0.15 -0.46
N LYS A 15 6.85 0.04 -1.35
CA LYS A 15 8.24 0.32 -0.97
C LYS A 15 8.35 1.62 -0.17
N LYS A 16 7.36 2.49 -0.31
CA LYS A 16 7.39 3.80 0.33
C LYS A 16 7.19 3.68 1.85
N TYR A 17 6.33 2.75 2.25
CA TYR A 17 5.97 2.63 3.67
C TYR A 17 6.39 1.29 4.25
N GLY A 18 7.31 0.61 3.57
CA GLY A 18 7.85 -0.63 4.08
C GLY A 18 7.15 -1.84 3.51
N ILE A 1 -14.44 2.41 1.01
CA ILE A 1 -14.03 2.09 2.40
C ILE A 1 -12.63 2.63 2.69
N GLY A 2 -11.78 2.68 1.67
CA GLY A 2 -10.45 3.22 1.86
C GLY A 2 -9.38 2.34 1.22
N LEU A 3 -8.13 2.58 1.60
CA LEU A 3 -7.01 1.81 1.06
C LEU A 3 -6.95 0.44 1.70
N ARG A 4 -5.99 -0.38 1.28
CA ARG A 4 -5.83 -1.73 1.83
C ARG A 4 -4.95 -1.71 3.07
N GLY A 5 -4.74 -0.52 3.61
CA GLY A 5 -3.99 -0.37 4.86
C GLY A 5 -2.48 -0.48 4.68
N LEU A 6 -2.03 -1.59 4.13
CA LEU A 6 -0.60 -1.84 3.95
C LEU A 6 -0.16 -1.54 2.52
N GLY A 7 -1.06 -0.93 1.74
CA GLY A 7 -0.76 -0.70 0.34
C GLY A 7 -0.57 -2.01 -0.40
N ARG A 8 -1.50 -2.93 -0.20
CA ARG A 8 -1.39 -4.29 -0.74
C ARG A 8 -1.42 -4.28 -2.27
N LYS A 9 -2.42 -3.60 -2.83
CA LYS A 9 -2.50 -3.43 -4.28
C LYS A 9 -1.50 -2.38 -4.75
N ILE A 10 -1.13 -1.51 -3.84
CA ILE A 10 -0.20 -0.41 -4.10
C ILE A 10 1.23 -0.87 -3.82
N ALA A 11 1.45 -2.17 -4.01
CA ALA A 11 2.71 -2.85 -3.65
C ALA A 11 3.97 -2.10 -4.08
N LEU A 12 3.92 -1.38 -5.21
CA LEU A 12 5.08 -0.65 -5.69
C LEU A 12 5.40 0.50 -4.73
N ILE A 13 4.37 1.14 -4.22
CA ILE A 13 4.53 2.22 -3.25
C ILE A 13 4.56 1.65 -1.83
N HIS A 14 4.07 0.42 -1.67
CA HIS A 14 4.08 -0.27 -0.39
C HIS A 14 5.48 -0.27 0.24
N LYS A 15 6.49 -0.61 -0.56
CA LYS A 15 7.87 -0.74 -0.08
C LYS A 15 8.40 0.59 0.46
N LYS A 16 7.68 1.66 0.19
CA LYS A 16 8.08 3.00 0.62
C LYS A 16 7.86 3.18 2.12
N TYR A 17 6.85 2.50 2.65
CA TYR A 17 6.49 2.69 4.06
C TYR A 17 6.42 1.38 4.83
N GLY A 18 6.79 0.27 4.20
CA GLY A 18 6.81 -0.99 4.90
C GLY A 18 6.64 -2.17 3.97
N ILE A 1 -14.91 0.27 1.78
CA ILE A 1 -13.70 0.34 0.94
C ILE A 1 -12.89 1.59 1.29
N GLY A 2 -11.60 1.40 1.57
CA GLY A 2 -10.73 2.52 1.87
C GLY A 2 -9.29 2.19 1.55
N LEU A 3 -8.39 2.72 2.36
CA LEU A 3 -6.97 2.47 2.16
C LEU A 3 -6.57 1.16 2.84
N ARG A 4 -5.78 0.36 2.16
CA ARG A 4 -5.34 -0.93 2.68
C ARG A 4 -4.29 -0.74 3.77
N GLY A 5 -3.77 0.48 3.88
CA GLY A 5 -2.77 0.81 4.89
C GLY A 5 -1.39 0.31 4.52
N LEU A 6 -1.29 -0.99 4.28
CA LEU A 6 -0.01 -1.60 3.93
C LEU A 6 0.26 -1.52 2.44
N GLY A 7 -0.72 -1.01 1.68
CA GLY A 7 -0.53 -0.84 0.26
C GLY A 7 -0.39 -2.17 -0.47
N ARG A 8 -1.32 -3.08 -0.23
CA ARG A 8 -1.25 -4.43 -0.80
C ARG A 8 -1.21 -4.40 -2.33
N LYS A 9 -2.31 -4.04 -2.96
CA LYS A 9 -2.36 -3.95 -4.42
C LYS A 9 -1.66 -2.69 -4.88
N ILE A 10 -1.50 -1.76 -3.95
CA ILE A 10 -0.95 -0.45 -4.20
C ILE A 10 0.58 -0.47 -4.03
N ALA A 11 1.19 -1.63 -4.28
CA ALA A 11 2.63 -1.85 -4.10
C ALA A 11 3.50 -0.69 -4.59
N LEU A 12 3.06 0.01 -5.64
CA LEU A 12 3.79 1.16 -6.16
C LEU A 12 3.94 2.26 -5.11
N ILE A 13 2.91 2.43 -4.29
CA ILE A 13 2.95 3.38 -3.20
C ILE A 13 3.47 2.70 -1.93
N HIS A 14 3.25 1.40 -1.85
CA HIS A 14 3.73 0.60 -0.72
C HIS A 14 5.24 0.78 -0.55
N LYS A 15 5.99 0.66 -1.63
CA LYS A 15 7.45 0.75 -1.59
C LYS A 15 7.92 2.14 -1.17
N LYS A 16 7.00 3.09 -1.13
CA LYS A 16 7.34 4.45 -0.73
C LYS A 16 7.55 4.51 0.78
N TYR A 17 6.93 3.59 1.51
CA TYR A 17 7.06 3.58 2.97
C TYR A 17 7.36 2.18 3.48
N GLY A 18 7.75 1.29 2.57
CA GLY A 18 8.06 -0.07 2.94
C GLY A 18 8.48 -0.90 1.76
#